data_7H2R
#
_entry.id   7H2R
#
_cell.length_a   42.398
_cell.length_b   42.398
_cell.length_c   215.595
_cell.angle_alpha   90.00
_cell.angle_beta   90.00
_cell.angle_gamma   90.00
#
_symmetry.space_group_name_H-M   'P 43 2 2'
#
loop_
_entity.id
_entity.type
_entity.pdbx_description
1 polymer 'Serine protease subunit NS2B'
2 polymer 'Serine protease NS3'
3 non-polymer 'DIMETHYL SULFOXIDE'
4 non-polymer ~{N}-(3-acetamidophenyl)-2-methoxy-ethanamide
5 non-polymer 'SULFATE ION'
6 water water
#
loop_
_entity_poly.entity_id
_entity_poly.type
_entity_poly.pdbx_seq_one_letter_code
_entity_poly.pdbx_strand_id
1 'polypeptide(L)' SMGKSVDMYIERAGDITWEKDAEVTGNSPRLDVALDESGDFSLVEE A
2 'polypeptide(L)'
;MKEVKKGETTDGVYRVMTRRLLGSTQVGVGVMQEGVFHTMWHVTKGAALRSGEGRLDPYWGDVKQDLVSYCGPWKLDAAW
DGLSEVQLLAVPPGERAKNIQTLPGIFKTKDGDIGAVALDYPAGTSGSPILDKCGRVIGLYGNGVVIKNGSYVSAITQGK
REEETPVE
;
B
#
loop_
_chem_comp.id
_chem_comp.type
_chem_comp.name
_chem_comp.formula
DMS non-polymer 'DIMETHYL SULFOXIDE' 'C2 H6 O S'
GWA non-polymer ~{N}-(3-acetamidophenyl)-2-methoxy-ethanamide 'C11 H14 N2 O3'
SO4 non-polymer 'SULFATE ION' 'O4 S -2'
#
# COMPACT_ATOMS: atom_id res chain seq x y z
N ASP A 7 3.27 18.41 10.23
CA ASP A 7 3.29 17.28 11.16
C ASP A 7 2.27 16.24 10.74
N MET A 8 2.71 14.99 10.56
CA MET A 8 1.81 13.94 10.09
C MET A 8 1.26 13.08 11.22
N TYR A 9 0.01 12.60 11.06
CA TYR A 9 -0.61 11.79 12.09
C TYR A 9 -1.43 10.65 11.51
N ILE A 10 -1.71 9.61 12.32
CA ILE A 10 -2.47 8.45 11.79
C ILE A 10 -3.77 8.29 12.52
N GLU A 11 -4.79 7.77 11.79
CA GLU A 11 -6.11 7.53 12.35
C GLU A 11 -6.57 6.15 11.86
N ARG A 12 -7.10 5.29 12.77
CA ARG A 12 -7.52 3.93 12.33
C ARG A 12 -8.70 4.00 11.37
N ALA A 13 -8.66 3.14 10.32
CA ALA A 13 -9.75 3.13 9.30
C ALA A 13 -10.44 1.77 9.16
N GLY A 14 -9.89 0.70 9.74
CA GLY A 14 -10.53 -0.61 9.66
C GLY A 14 -9.67 -1.78 10.04
N ASP A 15 -10.29 -2.98 10.07
CA ASP A 15 -9.65 -4.27 10.28
C ASP A 15 -9.23 -4.70 8.87
N ILE A 16 -8.20 -5.48 8.84
CA ILE A 16 -7.71 -6.04 7.58
C ILE A 16 -8.29 -7.41 7.49
N THR A 17 -9.34 -7.55 6.69
N THR A 17 -9.34 -7.57 6.69
N THR A 17 -9.34 -7.55 6.69
N THR A 17 -9.34 -7.57 6.69
CA THR A 17 -10.02 -8.82 6.50
CA THR A 17 -10.08 -8.81 6.58
CA THR A 17 -10.02 -8.82 6.50
CA THR A 17 -10.08 -8.81 6.58
C THR A 17 -10.43 -8.96 5.04
C THR A 17 -10.64 -8.96 5.16
C THR A 17 -10.43 -8.96 5.04
C THR A 17 -10.64 -8.96 5.16
N TRP A 18 -10.62 -10.19 4.59
CA TRP A 18 -11.15 -10.44 3.25
C TRP A 18 -12.69 -10.33 3.38
N GLU A 19 -13.36 -9.67 2.43
CA GLU A 19 -14.83 -9.53 2.47
C GLU A 19 -15.45 -10.34 1.36
N LYS A 20 -16.41 -11.23 1.68
CA LYS A 20 -17.07 -12.07 0.67
C LYS A 20 -17.97 -11.33 -0.31
N ASP A 21 -18.48 -10.17 0.10
CA ASP A 21 -19.35 -9.41 -0.79
C ASP A 21 -18.66 -8.22 -1.48
N ALA A 22 -17.33 -8.30 -1.66
CA ALA A 22 -16.62 -7.19 -2.28
C ALA A 22 -17.02 -7.00 -3.73
N GLU A 23 -17.00 -5.73 -4.22
CA GLU A 23 -17.17 -5.39 -5.65
C GLU A 23 -15.95 -6.02 -6.36
N VAL A 24 -16.13 -6.62 -7.49
CA VAL A 24 -15.06 -7.28 -8.24
C VAL A 24 -14.88 -6.57 -9.59
N THR A 25 -13.65 -6.03 -9.88
CA THR A 25 -13.43 -5.29 -11.12
C THR A 25 -11.92 -5.19 -11.46
N GLY A 26 -11.56 -4.58 -12.58
CA GLY A 26 -10.19 -4.41 -12.97
C GLY A 26 -9.66 -5.54 -13.83
N ASN A 27 -8.77 -5.19 -14.76
CA ASN A 27 -8.19 -6.22 -15.63
C ASN A 27 -6.82 -6.67 -15.04
N SER A 28 -6.08 -7.52 -15.77
CA SER A 28 -4.82 -8.12 -15.33
C SER A 28 -3.76 -7.98 -16.40
N PRO A 29 -3.25 -6.74 -16.59
CA PRO A 29 -2.33 -6.51 -17.70
C PRO A 29 -0.95 -7.06 -17.47
N ARG A 30 -0.30 -7.49 -18.54
CA ARG A 30 1.11 -7.94 -18.46
C ARG A 30 1.94 -6.82 -19.09
N LEU A 31 2.70 -6.11 -18.26
CA LEU A 31 3.47 -4.95 -18.71
C LEU A 31 4.96 -5.11 -18.51
N ASP A 32 5.74 -4.76 -19.54
CA ASP A 32 7.19 -4.73 -19.38
C ASP A 32 7.54 -3.39 -18.73
N VAL A 33 8.24 -3.39 -17.57
CA VAL A 33 8.54 -2.13 -16.90
C VAL A 33 10.00 -2.06 -16.43
N ALA A 34 10.47 -0.83 -16.14
CA ALA A 34 11.80 -0.64 -15.59
C ALA A 34 11.67 0.06 -14.25
N LEU A 35 12.57 -0.25 -13.29
CA LEU A 35 12.50 0.39 -11.98
C LEU A 35 13.83 1.17 -11.79
N ASP A 36 13.75 2.50 -11.60
CA ASP A 36 14.97 3.30 -11.48
C ASP A 36 15.45 3.36 -10.01
N GLU A 37 16.65 3.93 -9.80
CA GLU A 37 17.21 4.08 -8.47
C GLU A 37 16.32 4.92 -7.53
N SER A 38 15.46 5.80 -8.08
CA SER A 38 14.58 6.64 -7.24
C SER A 38 13.24 5.93 -6.90
N GLY A 39 13.11 4.64 -7.24
CA GLY A 39 11.92 3.86 -6.94
C GLY A 39 10.79 4.16 -7.91
N ASP A 40 11.06 4.79 -9.05
CA ASP A 40 9.97 5.07 -10.03
C ASP A 40 9.90 3.98 -11.05
N PHE A 41 8.69 3.48 -11.34
CA PHE A 41 8.53 2.51 -12.42
C PHE A 41 8.20 3.27 -13.71
N SER A 42 8.65 2.74 -14.83
CA SER A 42 8.28 3.32 -16.12
C SER A 42 7.97 2.20 -17.14
N LEU A 43 7.06 2.47 -18.09
CA LEU A 43 6.74 1.46 -19.10
C LEU A 43 7.84 1.33 -20.14
N VAL A 44 8.29 0.09 -20.42
CA VAL A 44 9.31 -0.21 -21.45
C VAL A 44 8.63 -0.91 -22.64
N GLU A 45 8.99 -0.56 -23.89
CA GLU A 45 8.41 -1.25 -25.05
C GLU A 45 9.41 -1.49 -26.19
N GLY B 7 -0.07 5.76 22.19
CA GLY B 7 -1.03 5.96 21.09
C GLY B 7 -1.91 4.76 20.75
N GLU B 8 -2.33 4.65 19.47
CA GLU B 8 -3.13 3.51 19.04
C GLU B 8 -2.20 2.49 18.41
N THR B 9 -2.16 1.29 18.97
N THR B 9 -2.16 1.29 18.97
CA THR B 9 -1.25 0.25 18.48
CA THR B 9 -1.25 0.25 18.48
C THR B 9 -1.94 -1.00 17.99
C THR B 9 -1.94 -1.00 17.99
N THR B 10 -3.31 -1.01 17.94
CA THR B 10 -3.99 -2.20 17.52
C THR B 10 -3.70 -2.50 16.05
N ASP B 11 -3.68 -3.78 15.70
CA ASP B 11 -3.54 -4.19 14.31
C ASP B 11 -4.67 -3.54 13.45
N GLY B 12 -4.39 -3.18 12.21
CA GLY B 12 -5.40 -2.63 11.28
C GLY B 12 -4.84 -1.71 10.21
N VAL B 13 -5.70 -1.12 9.39
CA VAL B 13 -5.32 -0.15 8.35
C VAL B 13 -5.64 1.24 8.86
N TYR B 14 -4.74 2.21 8.61
CA TYR B 14 -4.82 3.55 9.15
C TYR B 14 -4.63 4.58 8.00
N ARG B 15 -5.23 5.75 8.14
CA ARG B 15 -4.98 6.87 7.23
C ARG B 15 -3.76 7.63 7.73
N VAL B 16 -2.98 8.26 6.82
CA VAL B 16 -1.85 9.13 7.14
C VAL B 16 -2.24 10.56 6.71
N MET B 17 -2.33 11.48 7.67
CA MET B 17 -2.82 12.83 7.41
C MET B 17 -1.78 13.89 7.66
N THR B 18 -1.95 15.07 7.06
CA THR B 18 -1.08 16.23 7.33
C THR B 18 -1.93 17.49 7.50
N ARG B 19 -1.40 18.44 8.27
CA ARG B 19 -2.00 19.74 8.47
C ARG B 19 -1.20 20.87 7.75
N ARG B 20 -0.16 20.52 6.95
CA ARG B 20 0.66 21.53 6.28
C ARG B 20 0.02 22.17 5.02
N LEU B 21 -0.87 21.46 4.30
CA LEU B 21 -1.58 22.01 3.11
C LEU B 21 -2.92 22.66 3.58
N LEU B 22 -3.89 22.89 2.67
CA LEU B 22 -5.19 23.41 3.08
C LEU B 22 -5.90 22.35 3.95
N GLY B 23 -6.52 22.78 5.06
CA GLY B 23 -7.20 21.85 5.95
C GLY B 23 -6.37 20.67 6.44
N SER B 24 -7.00 19.50 6.55
CA SER B 24 -6.31 18.26 6.96
C SER B 24 -6.39 17.42 5.69
N THR B 25 -5.24 17.02 5.17
CA THR B 25 -5.17 16.31 3.90
C THR B 25 -4.64 14.92 4.07
N GLN B 26 -5.32 13.96 3.47
CA GLN B 26 -4.83 12.58 3.53
C GLN B 26 -3.77 12.37 2.45
N VAL B 27 -2.52 12.16 2.89
CA VAL B 27 -1.40 11.92 1.95
C VAL B 27 -1.21 10.42 1.65
N GLY B 28 -1.73 9.53 2.50
CA GLY B 28 -1.61 8.09 2.25
C GLY B 28 -2.27 7.22 3.30
N VAL B 29 -1.85 5.96 3.35
CA VAL B 29 -2.42 4.89 4.18
C VAL B 29 -1.31 3.95 4.62
N GLY B 30 -1.54 3.21 5.70
CA GLY B 30 -0.57 2.21 6.13
C GLY B 30 -1.18 1.10 6.93
N VAL B 31 -0.35 0.15 7.34
CA VAL B 31 -0.74 -1.07 8.03
C VAL B 31 -0.03 -1.22 9.36
N MET B 32 -0.79 -1.33 10.46
CA MET B 32 -0.21 -1.63 11.75
C MET B 32 -0.29 -3.15 11.99
N GLN B 33 0.86 -3.76 12.27
CA GLN B 33 0.88 -5.20 12.55
C GLN B 33 2.02 -5.49 13.50
N GLU B 34 1.74 -6.18 14.61
CA GLU B 34 2.72 -6.51 15.63
C GLU B 34 3.44 -5.28 16.19
N GLY B 35 2.70 -4.20 16.34
CA GLY B 35 3.25 -2.98 16.92
C GLY B 35 4.12 -2.14 15.98
N VAL B 36 4.19 -2.53 14.68
CA VAL B 36 4.95 -1.84 13.63
C VAL B 36 4.03 -1.24 12.55
N PHE B 37 4.29 0.04 12.22
CA PHE B 37 3.51 0.74 11.18
C PHE B 37 4.28 0.68 9.84
N HIS B 38 3.58 0.27 8.79
CA HIS B 38 4.13 -0.01 7.45
C HIS B 38 3.49 0.86 6.44
N THR B 39 4.25 1.64 5.69
CA THR B 39 3.65 2.50 4.66
C THR B 39 4.64 2.61 3.48
N MET B 40 4.28 3.43 2.47
CA MET B 40 5.16 3.66 1.31
C MET B 40 6.02 4.85 1.60
N TRP B 41 7.33 4.76 1.21
CA TRP B 41 8.27 5.86 1.49
CA TRP B 41 8.26 5.85 1.49
C TRP B 41 7.75 7.19 0.93
N HIS B 42 7.17 7.19 -0.27
CA HIS B 42 6.74 8.44 -0.86
C HIS B 42 5.59 9.13 -0.07
N VAL B 43 4.87 8.38 0.77
CA VAL B 43 3.78 8.95 1.59
C VAL B 43 4.35 9.85 2.70
N THR B 44 5.39 9.37 3.40
CA THR B 44 5.91 10.11 4.56
C THR B 44 7.27 10.79 4.37
N LYS B 45 7.99 10.38 3.29
CA LYS B 45 9.37 10.80 2.99
C LYS B 45 10.28 10.48 4.22
N GLY B 46 9.90 9.51 5.06
CA GLY B 46 10.70 9.14 6.23
C GLY B 46 10.48 9.99 7.47
N ALA B 47 9.50 10.90 7.45
CA ALA B 47 9.24 11.77 8.61
C ALA B 47 8.62 11.01 9.78
N ALA B 48 8.77 11.53 11.02
CA ALA B 48 8.09 10.96 12.18
C ALA B 48 6.56 11.15 12.08
N LEU B 49 5.81 10.30 12.79
CA LEU B 49 4.35 10.38 12.80
C LEU B 49 3.82 10.49 14.25
N ARG B 50 2.60 10.98 14.39
CA ARG B 50 1.91 11.05 15.65
C ARG B 50 0.70 10.09 15.67
N SER B 51 0.40 9.48 16.83
CA SER B 51 -0.84 8.72 17.01
C SER B 51 -1.39 9.21 18.34
N GLY B 52 -2.33 10.15 18.29
CA GLY B 52 -2.88 10.73 19.53
C GLY B 52 -1.79 11.44 20.30
N GLU B 53 -1.52 10.96 21.52
CA GLU B 53 -0.45 11.54 22.34
C GLU B 53 0.93 10.87 22.13
N GLY B 54 0.99 9.79 21.35
CA GLY B 54 2.24 9.07 21.12
C GLY B 54 2.92 9.43 19.81
N ARG B 55 4.22 9.05 19.66
CA ARG B 55 5.01 9.35 18.47
C ARG B 55 5.67 8.08 17.87
N LEU B 56 5.58 7.92 16.54
CA LEU B 56 6.20 6.78 15.85
C LEU B 56 7.41 7.29 15.08
N ASP B 57 8.55 6.70 15.32
CA ASP B 57 9.79 7.09 14.67
C ASP B 57 10.14 6.04 13.60
N PRO B 58 10.72 6.48 12.48
CA PRO B 58 11.11 5.53 11.44
C PRO B 58 12.18 4.58 11.95
N TYR B 59 12.11 3.34 11.50
CA TYR B 59 13.04 2.31 11.92
C TYR B 59 13.80 1.75 10.72
N TRP B 60 13.13 1.51 9.61
CA TRP B 60 13.76 0.95 8.42
C TRP B 60 13.11 1.61 7.22
N GLY B 61 13.87 1.84 6.17
CA GLY B 61 13.28 2.36 4.94
C GLY B 61 14.20 2.20 3.76
N ASP B 62 13.59 2.24 2.57
CA ASP B 62 14.35 2.10 1.31
C ASP B 62 13.63 2.76 0.18
N VAL B 63 14.18 3.85 -0.38
CA VAL B 63 13.53 4.61 -1.48
C VAL B 63 13.29 3.76 -2.74
N LYS B 64 14.23 2.87 -3.09
CA LYS B 64 14.02 2.06 -4.32
C LYS B 64 12.84 1.12 -4.20
N GLN B 65 12.72 0.48 -3.02
CA GLN B 65 11.55 -0.38 -2.77
C GLN B 65 10.31 0.47 -2.53
N ASP B 66 10.48 1.76 -2.16
CA ASP B 66 9.37 2.66 -1.84
C ASP B 66 8.64 2.20 -0.59
N LEU B 67 9.38 1.73 0.45
CA LEU B 67 8.78 1.26 1.69
C LEU B 67 9.44 1.86 2.91
N VAL B 68 8.71 1.91 4.01
CA VAL B 68 9.21 2.41 5.30
C VAL B 68 8.42 1.70 6.44
N SER B 69 9.11 1.34 7.57
CA SER B 69 8.50 0.83 8.78
C SER B 69 8.85 1.70 9.95
N TYR B 70 7.93 1.75 10.89
CA TYR B 70 8.06 2.58 12.11
C TYR B 70 7.94 1.71 13.36
N CYS B 71 8.73 2.01 14.43
CA CYS B 71 8.72 1.30 15.74
C CYS B 71 9.36 -0.08 15.71
N GLY B 72 9.70 -0.59 14.55
CA GLY B 72 10.34 -1.89 14.47
C GLY B 72 10.55 -2.28 13.04
N PRO B 73 11.13 -3.46 12.84
CA PRO B 73 11.44 -3.91 11.47
C PRO B 73 10.19 -4.34 10.71
N TRP B 74 10.31 -4.36 9.37
CA TRP B 74 9.19 -4.75 8.46
C TRP B 74 8.68 -6.15 8.85
N LYS B 75 7.36 -6.27 9.09
CA LYS B 75 6.77 -7.52 9.59
C LYS B 75 5.98 -8.31 8.54
N LEU B 76 5.63 -7.68 7.39
CA LEU B 76 4.70 -8.30 6.41
C LEU B 76 5.48 -9.19 5.46
N ASP B 77 5.16 -10.48 5.44
CA ASP B 77 5.96 -11.40 4.62
C ASP B 77 5.16 -12.27 3.66
N ALA B 78 3.84 -12.17 3.71
CA ALA B 78 3.04 -12.99 2.76
C ALA B 78 3.24 -12.52 1.34
N ALA B 79 3.02 -13.45 0.38
CA ALA B 79 3.29 -13.16 -1.02
C ALA B 79 2.13 -13.60 -1.90
N TRP B 80 1.90 -12.86 -3.01
CA TRP B 80 0.86 -13.28 -3.96
C TRP B 80 1.22 -14.66 -4.54
N ASP B 81 0.22 -15.58 -4.63
CA ASP B 81 0.51 -16.91 -5.16
C ASP B 81 0.71 -16.93 -6.68
N GLY B 82 0.46 -15.82 -7.37
CA GLY B 82 0.59 -15.78 -8.84
C GLY B 82 -0.61 -16.35 -9.60
N LEU B 83 -1.65 -16.81 -8.91
CA LEU B 83 -2.81 -17.44 -9.53
C LEU B 83 -4.16 -16.89 -9.14
N SER B 84 -4.32 -16.60 -7.84
CA SER B 84 -5.64 -16.28 -7.29
C SER B 84 -5.96 -14.79 -7.31
N GLU B 85 -7.26 -14.46 -7.20
CA GLU B 85 -7.69 -13.07 -7.03
C GLU B 85 -7.28 -12.59 -5.61
N VAL B 86 -7.13 -11.29 -5.50
CA VAL B 86 -6.77 -10.65 -4.21
C VAL B 86 -7.78 -9.52 -3.98
N GLN B 87 -7.69 -8.87 -2.81
CA GLN B 87 -8.49 -7.71 -2.49
C GLN B 87 -7.62 -6.53 -2.17
N LEU B 88 -7.88 -5.39 -2.83
CA LEU B 88 -7.31 -4.10 -2.39
C LEU B 88 -8.26 -3.61 -1.31
N LEU B 89 -7.72 -3.35 -0.14
CA LEU B 89 -8.52 -2.75 0.93
C LEU B 89 -8.28 -1.26 0.81
N ALA B 90 -9.00 -0.62 -0.15
CA ALA B 90 -8.78 0.79 -0.48
C ALA B 90 -9.29 1.69 0.63
N VAL B 91 -8.47 2.65 1.03
CA VAL B 91 -8.87 3.65 2.02
C VAL B 91 -8.73 5.03 1.36
N PRO B 92 -9.71 5.46 0.55
CA PRO B 92 -9.59 6.76 -0.13
C PRO B 92 -9.78 7.97 0.77
N PRO B 93 -9.20 9.11 0.39
CA PRO B 93 -9.37 10.33 1.20
C PRO B 93 -10.85 10.68 1.42
N GLY B 94 -11.23 10.89 2.69
CA GLY B 94 -12.59 11.27 3.10
C GLY B 94 -13.65 10.20 2.91
N GLU B 95 -13.25 8.98 2.53
CA GLU B 95 -14.16 7.89 2.24
C GLU B 95 -13.94 6.62 3.05
N ARG B 96 -15.02 5.84 3.28
CA ARG B 96 -14.93 4.60 4.04
C ARG B 96 -14.00 3.59 3.41
N ALA B 97 -13.27 2.80 4.27
CA ALA B 97 -12.46 1.66 3.77
C ALA B 97 -13.39 0.72 2.97
N LYS B 98 -12.94 0.32 1.79
CA LYS B 98 -13.75 -0.50 0.86
C LYS B 98 -12.90 -1.59 0.25
N ASN B 99 -13.36 -2.86 0.28
CA ASN B 99 -12.62 -3.96 -0.38
C ASN B 99 -12.99 -4.05 -1.84
N ILE B 100 -12.00 -4.16 -2.74
CA ILE B 100 -12.16 -4.34 -4.17
C ILE B 100 -11.42 -5.60 -4.55
N GLN B 101 -12.13 -6.59 -5.09
CA GLN B 101 -11.49 -7.83 -5.51
C GLN B 101 -11.09 -7.73 -6.98
N THR B 102 -9.90 -8.28 -7.33
CA THR B 102 -9.38 -8.23 -8.68
C THR B 102 -8.40 -9.35 -8.90
N LEU B 103 -8.10 -9.69 -10.19
CA LEU B 103 -7.02 -10.66 -10.44
C LEU B 103 -5.80 -9.83 -10.86
N PRO B 104 -4.65 -9.92 -10.13
CA PRO B 104 -3.50 -9.11 -10.51
C PRO B 104 -2.99 -9.49 -11.90
N GLY B 105 -2.40 -8.50 -12.58
CA GLY B 105 -1.58 -8.67 -13.77
C GLY B 105 -0.14 -8.82 -13.29
N ILE B 106 0.78 -8.58 -14.17
CA ILE B 106 2.21 -8.75 -13.89
C ILE B 106 2.99 -7.57 -14.41
N PHE B 107 3.99 -7.12 -13.63
CA PHE B 107 5.04 -6.22 -14.10
C PHE B 107 6.25 -7.15 -14.40
N LYS B 108 6.69 -7.18 -15.64
CA LYS B 108 7.85 -7.97 -16.04
C LYS B 108 9.08 -7.08 -16.01
N THR B 109 10.07 -7.42 -15.18
CA THR B 109 11.27 -6.59 -15.05
C THR B 109 12.52 -7.38 -15.35
N LYS B 110 13.64 -6.67 -15.59
CA LYS B 110 14.90 -7.36 -15.84
C LYS B 110 15.37 -8.19 -14.61
N ASP B 111 14.79 -7.95 -13.42
CA ASP B 111 15.15 -8.70 -12.21
C ASP B 111 14.07 -9.67 -11.71
N GLY B 112 13.03 -9.90 -12.50
CA GLY B 112 11.96 -10.82 -12.12
C GLY B 112 10.58 -10.20 -12.25
N ASP B 113 9.55 -11.02 -12.08
CA ASP B 113 8.17 -10.60 -12.19
C ASP B 113 7.55 -10.29 -10.85
N ILE B 114 6.63 -9.30 -10.83
CA ILE B 114 5.92 -8.82 -9.63
C ILE B 114 4.44 -8.70 -10.03
N GLY B 115 3.52 -8.98 -9.11
CA GLY B 115 2.10 -8.79 -9.37
C GLY B 115 1.76 -7.32 -9.48
N ALA B 116 0.66 -7.02 -10.17
CA ALA B 116 0.26 -5.63 -10.34
C ALA B 116 -1.23 -5.53 -10.32
N VAL B 117 -1.76 -4.50 -9.69
N VAL B 117 -1.76 -4.50 -9.69
CA VAL B 117 -3.21 -4.32 -9.58
CA VAL B 117 -3.21 -4.32 -9.58
C VAL B 117 -3.67 -3.09 -10.39
C VAL B 117 -3.67 -3.09 -10.39
N ALA B 118 -4.64 -3.31 -11.33
CA ALA B 118 -5.14 -2.25 -12.22
C ALA B 118 -6.46 -1.62 -11.75
N LEU B 119 -6.34 -0.70 -10.77
CA LEU B 119 -7.46 -0.03 -10.13
C LEU B 119 -7.21 1.48 -9.97
N ASP B 120 -8.21 2.28 -10.35
CA ASP B 120 -8.09 3.73 -10.36
C ASP B 120 -8.56 4.35 -9.05
N TYR B 121 -7.60 4.65 -8.17
CA TYR B 121 -7.89 5.35 -6.90
C TYR B 121 -6.96 6.57 -6.81
N PRO B 122 -7.35 7.60 -5.99
CA PRO B 122 -6.53 8.83 -5.92
C PRO B 122 -5.19 8.61 -5.21
N ALA B 123 -4.23 9.50 -5.44
CA ALA B 123 -2.90 9.41 -4.83
C ALA B 123 -2.90 9.19 -3.32
N GLY B 124 -3.85 9.80 -2.60
CA GLY B 124 -3.88 9.67 -1.14
C GLY B 124 -4.26 8.27 -0.66
N THR B 125 -4.60 7.36 -1.60
CA THR B 125 -4.90 5.95 -1.30
C THR B 125 -3.59 5.12 -1.20
N SER B 126 -2.46 5.73 -1.57
CA SER B 126 -1.16 5.01 -1.58
C SER B 126 -0.85 4.46 -0.16
N GLY B 127 -0.41 3.19 -0.13
CA GLY B 127 -0.15 2.52 1.14
C GLY B 127 -1.27 1.57 1.53
N SER B 128 -2.43 1.63 0.81
CA SER B 128 -3.52 0.71 1.15
C SER B 128 -3.05 -0.73 0.92
N PRO B 129 -3.44 -1.63 1.83
CA PRO B 129 -2.99 -3.01 1.69
C PRO B 129 -3.72 -3.86 0.67
N ILE B 130 -2.98 -4.79 0.07
CA ILE B 130 -3.53 -5.80 -0.83
C ILE B 130 -3.48 -7.12 -0.05
N LEU B 131 -4.59 -7.85 -0.03
CA LEU B 131 -4.77 -9.03 0.82
C LEU B 131 -5.00 -10.31 0.08
N ASP B 132 -4.57 -11.45 0.68
CA ASP B 132 -4.94 -12.74 0.07
C ASP B 132 -6.23 -13.25 0.74
N LYS B 133 -6.73 -14.44 0.33
CA LYS B 133 -7.97 -15.01 0.88
C LYS B 133 -7.95 -15.29 2.39
N CYS B 134 -6.76 -15.33 3.02
CA CYS B 134 -6.72 -15.49 4.48
C CYS B 134 -6.55 -14.20 5.21
N GLY B 135 -6.69 -13.07 4.53
CA GLY B 135 -6.55 -11.76 5.17
C GLY B 135 -5.10 -11.36 5.44
N ARG B 136 -4.13 -12.07 4.84
CA ARG B 136 -2.71 -11.67 5.01
C ARG B 136 -2.37 -10.57 4.03
N VAL B 137 -1.52 -9.62 4.46
CA VAL B 137 -1.13 -8.53 3.60
C VAL B 137 0.01 -8.98 2.73
N ILE B 138 -0.23 -9.03 1.41
CA ILE B 138 0.76 -9.47 0.40
C ILE B 138 1.55 -8.31 -0.24
N GLY B 139 1.20 -7.08 0.14
CA GLY B 139 1.90 -5.87 -0.25
C GLY B 139 1.04 -4.64 -0.15
N LEU B 140 1.64 -3.50 -0.51
CA LEU B 140 0.95 -2.21 -0.50
C LEU B 140 0.76 -1.66 -1.89
N TYR B 141 -0.39 -0.97 -2.11
CA TYR B 141 -0.76 -0.38 -3.38
C TYR B 141 -0.31 1.07 -3.41
N GLY B 142 0.24 1.54 -4.52
CA GLY B 142 0.52 2.96 -4.65
C GLY B 142 1.81 3.34 -5.31
N ASN B 143 2.58 2.35 -5.83
CA ASN B 143 3.77 2.67 -6.62
C ASN B 143 3.64 1.89 -7.93
N GLY B 144 3.49 2.62 -9.02
CA GLY B 144 3.31 2.00 -10.32
C GLY B 144 3.39 2.96 -11.47
N VAL B 145 2.54 2.71 -12.51
CA VAL B 145 2.61 3.50 -13.74
C VAL B 145 1.22 3.97 -14.17
N VAL B 146 1.16 5.09 -14.91
CA VAL B 146 -0.08 5.58 -15.53
C VAL B 146 -0.01 5.11 -16.99
N ILE B 147 -1.05 4.37 -17.44
CA ILE B 147 -1.17 3.79 -18.81
C ILE B 147 -1.92 4.75 -19.78
N LYS B 148 -1.90 4.46 -21.05
CA LYS B 148 -2.39 5.19 -22.22
C LYS B 148 -3.52 6.20 -22.03
N ASN B 149 -4.66 5.82 -21.45
CA ASN B 149 -5.79 6.79 -21.28
C ASN B 149 -5.73 7.61 -19.99
N GLY B 150 -4.79 7.29 -19.10
CA GLY B 150 -4.75 7.91 -17.78
C GLY B 150 -5.14 6.96 -16.66
N SER B 151 -5.29 5.64 -16.96
CA SER B 151 -5.63 4.68 -15.90
C SER B 151 -4.33 4.38 -15.12
N TYR B 152 -4.50 3.85 -13.93
CA TYR B 152 -3.36 3.56 -13.06
C TYR B 152 -3.15 2.05 -12.81
N VAL B 153 -1.89 1.58 -12.85
CA VAL B 153 -1.58 0.18 -12.53
C VAL B 153 -0.47 0.20 -11.47
N SER B 154 -0.80 -0.33 -10.29
CA SER B 154 0.19 -0.34 -9.15
C SER B 154 0.94 -1.66 -9.02
N ALA B 155 2.23 -1.68 -8.63
CA ALA B 155 2.87 -2.95 -8.32
C ALA B 155 2.24 -3.44 -6.99
N ILE B 156 2.39 -4.77 -6.70
CA ILE B 156 2.07 -5.27 -5.37
C ILE B 156 3.47 -5.18 -4.70
N THR B 157 3.67 -4.11 -3.87
CA THR B 157 5.03 -3.92 -3.32
C THR B 157 5.10 -4.52 -1.94
N GLN B 158 6.00 -5.51 -1.77
CA GLN B 158 6.19 -6.18 -0.47
C GLN B 158 7.66 -6.03 0.01
N GLY B 159 7.83 -5.92 1.31
CA GLY B 159 9.16 -5.85 1.91
C GLY B 159 9.66 -7.23 2.30
N LYS B 160 10.72 -7.29 3.11
CA LYS B 160 11.30 -8.56 3.54
C LYS B 160 11.30 -8.60 5.06
N ARG B 161 10.81 -9.69 5.65
CA ARG B 161 10.84 -9.84 7.10
C ARG B 161 12.12 -10.59 7.44
N GLU B 162 13.03 -9.97 8.20
CA GLU B 162 14.31 -10.57 8.58
C GLU B 162 14.09 -11.65 9.66
S DMS C . 12.53 13.97 6.86
O DMS C . 12.61 12.49 7.05
C1 DMS C . 11.37 14.70 8.03
C2 DMS C . 11.41 14.34 5.46
S DMS D . 2.92 6.76 -9.09
O DMS D . 2.78 5.31 -8.77
C1 DMS D . 4.52 7.38 -8.57
C2 DMS D . 3.06 7.00 -10.89
N1 GWA E . -8.12 7.85 -14.54
C4 GWA E . -6.90 7.24 -12.57
C5 GWA E . -6.76 7.19 -11.21
C6 GWA E . -7.76 7.64 -10.37
C7 GWA E . -8.96 8.08 -10.92
C8 GWA E . -9.11 8.12 -12.30
C10 GWA E . -11.48 9.19 -8.32
C1 GWA E . -8.88 8.17 -16.80
C2 GWA E . -9.17 8.17 -15.32
O1 GWA E . -10.29 8.41 -14.87
C3 GWA E . -8.07 7.73 -13.13
N2 GWA E . -10.08 8.45 -10.16
C9 GWA E . -10.10 8.95 -8.90
O2 GWA E . -9.10 9.20 -8.25
O3 GWA E . -11.31 9.71 -7.02
C11 GWA E . -12.52 10.18 -6.47
S DMS F . 7.72 -3.20 18.94
O DMS F . 7.74 -3.01 17.46
C1 DMS F . 6.02 -3.56 19.44
C2 DMS F . 7.83 -1.57 19.72
N1 GWA G . -5.59 10.44 -11.21
C4 GWA G . -3.29 9.87 -11.67
C5 GWA G . -2.13 9.18 -11.37
C6 GWA G . -2.06 8.36 -10.25
C7 GWA G . -3.17 8.24 -9.41
C8 GWA G . -4.32 8.98 -9.68
C10 GWA G . -0.97 7.61 -7.51
C1 GWA G . -7.76 11.51 -11.14
C2 GWA G . -6.55 10.98 -10.42
O1 GWA G . -6.46 11.02 -9.19
C3 GWA G . -4.39 9.78 -10.83
N2 GWA G . -3.23 7.27 -8.38
C9 GWA G . -2.31 6.92 -7.44
O2 GWA G . -2.51 6.09 -6.54
O3 GWA G . -0.30 6.78 -6.57
C11 GWA G . 0.94 7.31 -6.15
S SO4 H . 7.64 6.87 -6.03
O1 SO4 H . 6.26 6.43 -5.75
O2 SO4 H . 7.82 7.03 -7.48
O3 SO4 H . 7.92 8.18 -5.40
O4 SO4 H . 8.63 5.87 -5.60
S DMS I . -1.91 -13.52 -13.84
O DMS I . -1.28 -14.70 -14.54
C1 DMS I . -2.93 -14.32 -12.60
C2 DMS I . -3.21 -12.91 -14.96
S DMS J . -4.74 -17.73 -0.88
O DMS J . -4.96 -18.14 0.54
C1 DMS J . -5.68 -18.86 -1.95
C2 DMS J . -3.12 -18.41 -1.35
S DMS K . -8.75 18.73 2.67
O DMS K . -9.46 19.99 2.33
C1 DMS K . -8.00 18.05 1.16
C2 DMS K . -10.03 17.46 2.82
#